data_2OD8
#
_entry.id   2OD8
#
_cell.length_a   139.280
_cell.length_b   139.280
_cell.length_c   139.280
_cell.angle_alpha   90.00
_cell.angle_beta   90.00
_cell.angle_gamma   90.00
#
_symmetry.space_group_name_H-M   'I 2 3'
#
loop_
_entity.id
_entity.type
_entity.pdbx_description
1 polymer 'Proliferating cell nuclear antigen'
2 polymer 'DNA ligase I, mitochondrial precursor'
3 water water
#
loop_
_entity_poly.entity_id
_entity_poly.type
_entity_poly.pdbx_seq_one_letter_code
_entity_poly.pdbx_strand_id
1 'polypeptide(L)'
;MLEAKFEEASLFKRIIDGFKDCVQLVNFQCKEDGIIAQAVDDSRVLLVSLEIGVEAFQEYRCDHPVTLGMDLTSLSKILR
CGNNTDTLTLIADNTPDSIILLFEDTKKDRIAEYSLKLMDIDADFLKIEELQYDSTLSLPSSEFSKIVRDLSQLSDSINI
MITKETIKFVADGDIGSGSVIIKPFVDMEHPETSIKLEMDQPVDLTFGAKYLLDIIKGSSLSDRVGIRLSSEAPALFQFD
LKSGFLQFFLAPKFNDEE
;
A
2 'polypeptide(L)' AGKKPKQATLARFFTSMKNKPT B
#
# COMPACT_ATOMS: atom_id res chain seq x y z
N MET A 1 -10.51 24.85 -3.87
CA MET A 1 -9.07 25.15 -3.65
C MET A 1 -8.44 24.11 -2.72
N LEU A 2 -7.57 23.29 -3.29
CA LEU A 2 -6.84 22.28 -2.53
C LEU A 2 -5.45 22.79 -2.20
N GLU A 3 -5.05 22.60 -0.94
CA GLU A 3 -3.69 22.91 -0.50
C GLU A 3 -3.19 21.84 0.45
N ALA A 4 -2.79 20.71 -0.12
CA ALA A 4 -2.25 19.63 0.67
C ALA A 4 -0.74 19.84 0.80
N LYS A 5 -0.34 20.47 1.90
CA LYS A 5 1.08 20.73 2.15
C LYS A 5 1.71 19.68 3.05
N PHE A 6 2.55 18.84 2.46
CA PHE A 6 3.32 17.84 3.19
C PHE A 6 4.47 18.47 3.95
N GLU A 7 4.78 17.95 5.13
CA GLU A 7 5.98 18.36 5.85
C GLU A 7 7.22 17.91 5.10
N GLU A 8 7.15 16.74 4.49
CA GLU A 8 8.29 16.17 3.78
C GLU A 8 7.88 15.71 2.38
N ALA A 9 8.62 16.15 1.36
CA ALA A 9 8.36 15.79 -0.03
C ALA A 9 8.60 14.31 -0.29
N SER A 10 9.47 13.71 0.52
CA SER A 10 9.76 12.28 0.43
C SER A 10 8.55 11.46 0.84
N LEU A 11 7.73 12.03 1.72
CA LEU A 11 6.56 11.32 2.24
C LEU A 11 5.58 10.97 1.13
N PHE A 12 5.28 11.94 0.27
CA PHE A 12 4.41 11.68 -0.86
C PHE A 12 5.10 10.80 -1.90
N LYS A 13 6.38 11.07 -2.11
CA LYS A 13 7.22 10.25 -2.98
C LYS A 13 7.18 8.78 -2.55
N ARG A 14 7.36 8.53 -1.24
CA ARG A 14 7.34 7.17 -0.72
C ARG A 14 5.96 6.50 -0.82
N ILE A 15 4.90 7.28 -0.65
CA ILE A 15 3.53 6.77 -0.81
C ILE A 15 3.34 6.26 -2.25
N ILE A 16 3.58 7.11 -3.22
CA ILE A 16 3.36 6.78 -4.64
C ILE A 16 4.20 5.59 -5.12
N ASP A 17 5.40 5.45 -4.56
CA ASP A 17 6.27 4.31 -4.87
C ASP A 17 5.64 2.95 -4.53
N GLY A 18 4.80 2.93 -3.50
CA GLY A 18 4.06 1.72 -3.12
C GLY A 18 2.95 1.32 -4.06
N PHE A 19 2.57 2.21 -4.98
CA PHE A 19 1.46 1.97 -5.91
C PHE A 19 1.94 1.62 -7.31
N LYS A 20 2.89 2.42 -7.79
CA LYS A 20 3.18 2.57 -9.21
C LYS A 20 3.38 1.29 -10.01
N ASP A 21 3.86 0.26 -9.35
CA ASP A 21 4.23 -0.98 -10.03
C ASP A 21 3.06 -1.94 -10.28
N CYS A 22 1.99 -1.81 -9.51
CA CYS A 22 0.76 -2.59 -9.75
C CYS A 22 -0.33 -1.81 -10.50
N VAL A 23 -0.50 -0.52 -10.18
CA VAL A 23 -1.51 0.32 -10.84
C VAL A 23 -0.95 1.59 -11.47
N GLN A 24 -1.45 1.94 -12.65
CA GLN A 24 -0.93 3.08 -13.41
C GLN A 24 -1.81 4.32 -13.30
N LEU A 25 -3.06 4.22 -13.75
CA LEU A 25 -3.98 5.36 -13.70
C LEU A 25 -4.89 5.21 -12.48
N VAL A 26 -4.93 6.25 -11.64
CA VAL A 26 -5.74 6.21 -10.41
C VAL A 26 -6.28 7.58 -9.98
N ASN A 27 -7.56 7.58 -9.59
CA ASN A 27 -8.21 8.76 -9.04
C ASN A 27 -7.87 8.97 -7.58
N PHE A 28 -7.60 10.22 -7.22
CA PHE A 28 -7.33 10.58 -5.83
C PHE A 28 -8.45 11.47 -5.32
N GLN A 29 -9.43 10.86 -4.66
CA GLN A 29 -10.56 11.61 -4.13
C GLN A 29 -10.15 12.41 -2.91
N CYS A 30 -9.89 13.70 -3.11
CA CYS A 30 -9.59 14.61 -2.00
C CYS A 30 -10.88 15.03 -1.31
N LYS A 31 -10.90 14.88 0.00
CA LYS A 31 -12.00 15.40 0.81
C LYS A 31 -11.46 16.48 1.76
N GLU A 32 -12.10 16.67 2.89
CA GLU A 32 -11.62 17.65 3.86
C GLU A 32 -10.99 16.95 5.06
N ASP A 33 -11.18 15.62 5.10
CA ASP A 33 -10.54 14.76 6.09
C ASP A 33 -9.40 13.97 5.43
N GLY A 34 -8.80 14.57 4.41
CA GLY A 34 -7.64 13.99 3.74
C GLY A 34 -7.89 13.52 2.33
N ILE A 35 -7.02 12.64 1.84
CA ILE A 35 -7.09 12.10 0.49
C ILE A 35 -7.30 10.58 0.51
N ILE A 36 -8.37 10.12 -0.12
CA ILE A 36 -8.59 8.69 -0.31
C ILE A 36 -8.32 8.37 -1.78
N ALA A 37 -7.63 7.26 -2.03
CA ALA A 37 -7.44 6.75 -3.39
C ALA A 37 -7.62 5.25 -3.43
N GLN A 38 -8.02 4.72 -4.59
CA GLN A 38 -8.28 3.30 -4.73
C GLN A 38 -8.14 2.86 -6.19
N ALA A 39 -7.45 1.75 -6.42
CA ALA A 39 -7.31 1.19 -7.77
C ALA A 39 -7.15 -0.33 -7.81
N VAL A 40 -7.67 -0.93 -8.88
CA VAL A 40 -7.52 -2.36 -9.15
C VAL A 40 -6.49 -2.55 -10.27
N ASP A 41 -5.67 -3.59 -10.18
CA ASP A 41 -4.75 -3.94 -11.26
C ASP A 41 -5.48 -4.60 -12.42
N ASP A 42 -4.77 -4.80 -13.54
CA ASP A 42 -5.38 -5.32 -14.77
C ASP A 42 -5.96 -6.74 -14.66
N SER A 43 -5.30 -7.58 -13.87
CA SER A 43 -5.73 -8.98 -13.72
C SER A 43 -6.91 -9.14 -12.77
N ARG A 44 -7.31 -8.03 -12.15
CA ARG A 44 -8.42 -7.99 -11.18
C ARG A 44 -8.17 -8.88 -9.96
N VAL A 45 -6.93 -8.88 -9.47
CA VAL A 45 -6.55 -9.73 -8.36
C VAL A 45 -6.16 -8.87 -7.15
N LEU A 46 -5.46 -7.77 -7.40
CA LEU A 46 -5.00 -6.87 -6.34
C LEU A 46 -5.74 -5.53 -6.34
N LEU A 47 -6.25 -5.14 -5.18
CA LEU A 47 -6.82 -3.81 -4.99
C LEU A 47 -5.93 -3.00 -4.06
N VAL A 48 -5.54 -1.81 -4.49
CA VAL A 48 -4.77 -0.91 -3.66
C VAL A 48 -5.69 0.14 -3.07
N SER A 49 -5.50 0.43 -1.78
CA SER A 49 -6.34 1.41 -1.09
C SER A 49 -5.50 2.34 -0.21
N LEU A 50 -5.62 3.64 -0.45
CA LEU A 50 -4.85 4.65 0.29
C LEU A 50 -5.76 5.52 1.11
N GLU A 51 -5.31 5.86 2.32
CA GLU A 51 -5.97 6.86 3.13
C GLU A 51 -4.98 7.75 3.86
N ILE A 52 -4.81 8.97 3.39
CA ILE A 52 -4.20 10.05 4.16
C ILE A 52 -5.45 10.89 4.46
N GLY A 53 -5.62 11.41 5.67
CA GLY A 53 -4.64 11.42 6.74
C GLY A 53 -4.25 12.87 6.97
N VAL A 54 -5.18 13.65 7.50
CA VAL A 54 -4.95 15.08 7.79
C VAL A 54 -3.67 15.32 8.62
N GLU A 55 -3.46 14.46 9.61
CA GLU A 55 -2.34 14.60 10.55
C GLU A 55 -0.98 14.27 9.95
N ALA A 56 -0.97 13.71 8.74
CA ALA A 56 0.25 13.37 8.01
C ALA A 56 0.74 14.53 7.15
N PHE A 57 -0.06 15.59 7.06
CA PHE A 57 0.35 16.80 6.37
C PHE A 57 0.92 17.77 7.38
N GLN A 58 1.58 18.81 6.88
CA GLN A 58 1.82 19.99 7.67
C GLN A 58 0.50 20.73 7.75
N GLU A 59 -0.13 20.89 6.58
CA GLU A 59 -1.42 21.56 6.44
C GLU A 59 -2.26 20.85 5.39
N TYR A 60 -3.57 21.04 5.46
CA TYR A 60 -4.48 20.47 4.47
C TYR A 60 -5.73 21.33 4.31
N ARG A 61 -5.69 22.27 3.37
CA ARG A 61 -6.86 23.08 3.04
C ARG A 61 -7.53 22.49 1.82
N CYS A 62 -8.81 22.16 1.93
CA CYS A 62 -9.59 21.63 0.81
C CYS A 62 -11.05 22.06 0.89
N ASP A 63 -11.40 23.13 0.21
CA ASP A 63 -12.73 23.77 0.34
C ASP A 63 -13.88 22.86 -0.06
N HIS A 64 -13.70 22.11 -1.14
CA HIS A 64 -14.75 21.25 -1.69
C HIS A 64 -14.13 19.99 -2.29
N PRO A 65 -14.82 18.83 -2.16
CA PRO A 65 -14.37 17.54 -2.71
C PRO A 65 -13.85 17.62 -4.15
N VAL A 66 -12.64 17.13 -4.36
CA VAL A 66 -11.97 17.25 -5.66
C VAL A 66 -11.30 15.93 -6.04
N THR A 67 -11.53 15.50 -7.28
CA THR A 67 -10.97 14.26 -7.80
C THR A 67 -9.79 14.54 -8.73
N LEU A 68 -8.64 13.96 -8.40
CA LEU A 68 -7.46 14.13 -9.21
C LEU A 68 -7.06 12.80 -9.86
N GLY A 69 -7.38 12.67 -11.14
CA GLY A 69 -6.96 11.51 -11.91
C GLY A 69 -5.54 11.72 -12.40
N MET A 70 -4.63 10.85 -11.96
CA MET A 70 -3.22 10.99 -12.29
C MET A 70 -2.60 9.71 -12.80
N ASP A 71 -1.75 9.85 -13.82
CA ASP A 71 -0.86 8.78 -14.28
C ASP A 71 0.34 8.76 -13.33
N LEU A 72 0.58 7.61 -12.72
CA LEU A 72 1.59 7.51 -11.66
C LEU A 72 3.02 7.56 -12.15
N THR A 73 3.25 7.19 -13.41
CA THR A 73 4.58 7.31 -13.99
C THR A 73 4.93 8.80 -14.13
N SER A 74 4.01 9.56 -14.70
CA SER A 74 4.19 11.00 -14.84
C SER A 74 4.41 11.63 -13.46
N LEU A 75 3.56 11.25 -12.51
CA LEU A 75 3.63 11.75 -11.15
C LEU A 75 4.98 11.45 -10.50
N SER A 76 5.50 10.24 -10.74
CA SER A 76 6.81 9.84 -10.23
C SER A 76 7.89 10.78 -10.71
N LYS A 77 7.89 11.03 -12.02
CA LYS A 77 8.90 11.89 -12.64
C LYS A 77 8.96 13.25 -11.95
N ILE A 78 7.80 13.77 -11.56
CA ILE A 78 7.74 15.04 -10.86
C ILE A 78 8.19 14.88 -9.41
N LEU A 79 7.89 13.74 -8.82
CA LEU A 79 8.27 13.47 -7.42
C LEU A 79 9.75 13.05 -7.25
N ARG A 80 10.48 12.98 -8.35
CA ARG A 80 11.92 12.76 -8.31
C ARG A 80 12.63 14.10 -8.12
N CYS A 81 11.89 15.19 -8.30
CA CYS A 81 12.45 16.53 -8.26
C CYS A 81 12.52 17.08 -6.84
N GLY A 82 12.03 16.30 -5.89
CA GLY A 82 12.06 16.69 -4.49
C GLY A 82 13.46 16.74 -3.92
N ASN A 83 14.00 17.95 -3.82
CA ASN A 83 15.33 18.17 -3.25
C ASN A 83 15.32 17.88 -1.74
N ASN A 84 15.55 16.62 -1.38
CA ASN A 84 15.32 16.11 -0.02
C ASN A 84 16.29 16.60 1.07
N THR A 85 15.71 17.22 2.11
CA THR A 85 14.26 17.35 2.23
C THR A 85 13.73 18.75 1.93
N ASP A 86 12.51 18.76 1.38
CA ASP A 86 11.86 19.97 0.90
C ASP A 86 10.39 19.85 1.26
N THR A 87 9.72 20.99 1.50
CA THR A 87 8.28 20.94 1.70
C THR A 87 7.58 20.86 0.35
N LEU A 88 6.58 19.99 0.26
CA LEU A 88 5.81 19.84 -0.97
C LEU A 88 4.33 20.13 -0.76
N THR A 89 3.83 21.14 -1.45
CA THR A 89 2.40 21.46 -1.40
C THR A 89 1.68 21.22 -2.73
N LEU A 90 0.62 20.42 -2.67
CA LEU A 90 -0.22 20.15 -3.82
C LEU A 90 -1.29 21.22 -3.93
N ILE A 91 -1.32 21.92 -5.06
CA ILE A 91 -2.35 22.93 -5.29
C ILE A 91 -3.20 22.51 -6.49
N ALA A 92 -4.53 22.61 -6.34
CA ALA A 92 -5.47 22.33 -7.43
C ALA A 92 -6.76 23.11 -7.20
N ASP A 93 -7.33 23.66 -8.27
CA ASP A 93 -8.57 24.42 -8.12
C ASP A 93 -9.80 23.51 -8.08
N ASN A 94 -10.98 24.09 -7.86
CA ASN A 94 -12.23 23.34 -7.70
C ASN A 94 -12.63 22.47 -8.90
N THR A 95 -12.36 22.98 -10.10
CA THR A 95 -12.62 22.26 -11.33
C THR A 95 -11.33 22.25 -12.14
N PRO A 96 -10.40 21.32 -11.82
CA PRO A 96 -9.04 21.36 -12.32
C PRO A 96 -8.79 20.56 -13.59
N ASP A 97 -7.87 21.04 -14.43
CA ASP A 97 -7.39 20.28 -15.58
C ASP A 97 -5.95 19.87 -15.35
N SER A 98 -5.35 20.44 -14.31
CA SER A 98 -3.97 20.15 -13.94
C SER A 98 -3.76 20.29 -12.44
N ILE A 99 -2.63 19.76 -11.95
CA ILE A 99 -2.26 19.85 -10.55
C ILE A 99 -0.89 20.50 -10.41
N ILE A 100 -0.81 21.55 -9.60
CA ILE A 100 0.44 22.24 -9.35
C ILE A 100 1.14 21.59 -8.16
N LEU A 101 2.39 21.18 -8.36
CA LEU A 101 3.22 20.65 -7.28
C LEU A 101 4.33 21.64 -6.98
N LEU A 102 4.25 22.29 -5.82
CA LEU A 102 5.20 23.32 -5.43
C LEU A 102 6.22 22.81 -4.40
N PHE A 103 7.50 22.91 -4.73
CA PHE A 103 8.60 22.55 -3.83
C PHE A 103 9.26 23.82 -3.30
N GLU A 104 9.22 24.00 -1.98
CA GLU A 104 9.87 25.15 -1.36
C GLU A 104 10.94 24.71 -0.38
N ASP A 105 12.07 25.42 -0.39
CA ASP A 105 13.13 25.13 0.54
C ASP A 105 13.04 26.09 1.71
N THR A 106 13.41 25.61 2.89
CA THR A 106 13.43 26.40 4.13
C THR A 106 14.17 27.73 3.95
N LYS A 107 15.38 27.68 3.38
CA LYS A 107 16.05 28.89 2.91
C LYS A 107 15.79 29.10 1.41
N LYS A 108 15.09 30.18 1.09
CA LYS A 108 14.70 30.47 -0.28
C LYS A 108 15.16 31.90 -0.66
N ASP A 109 15.06 32.34 -1.93
CA ASP A 109 14.45 31.63 -3.06
C ASP A 109 15.24 30.46 -3.64
N ARG A 110 14.65 29.27 -3.51
CA ARG A 110 15.08 28.08 -4.21
C ARG A 110 13.79 27.29 -4.47
N ILE A 111 12.83 27.96 -5.11
CA ILE A 111 11.48 27.45 -5.35
C ILE A 111 11.34 26.72 -6.69
N ALA A 112 10.73 25.54 -6.64
CA ALA A 112 10.44 24.75 -7.83
C ALA A 112 8.93 24.59 -7.99
N GLU A 113 8.40 24.96 -9.15
CA GLU A 113 6.98 24.78 -9.44
C GLU A 113 6.73 23.88 -10.64
N TYR A 114 6.09 22.74 -10.39
CA TYR A 114 5.76 21.78 -11.43
C TYR A 114 4.25 21.73 -11.67
N SER A 115 3.87 21.55 -12.93
CA SER A 115 2.47 21.42 -13.30
C SER A 115 2.27 20.05 -13.96
N LEU A 116 1.17 19.38 -13.66
CA LEU A 116 0.91 18.07 -14.23
C LEU A 116 -0.51 17.98 -14.75
N LYS A 117 -0.65 17.70 -16.05
CA LYS A 117 -1.97 17.57 -16.67
C LYS A 117 -2.69 16.34 -16.16
N LEU A 118 -3.96 16.53 -15.78
CA LEU A 118 -4.78 15.46 -15.24
C LEU A 118 -5.41 14.62 -16.35
N MET A 119 -5.70 13.37 -16.03
CA MET A 119 -6.47 12.50 -16.92
C MET A 119 -7.74 12.11 -16.17
N ASP A 120 -8.83 11.89 -16.90
CA ASP A 120 -10.07 11.48 -16.24
C ASP A 120 -10.40 9.99 -16.42
N ILE A 121 -10.43 9.32 -15.28
CA ILE A 121 -11.04 8.01 -15.12
C ILE A 121 -12.22 8.30 -14.18
N ASP A 122 -13.42 7.71 -14.34
CA ASP A 122 -13.75 6.45 -15.03
C ASP A 122 -13.33 5.28 -14.16
N ALA A 123 -13.69 5.36 -12.88
CA ALA A 123 -13.34 4.35 -11.90
C ALA A 123 -14.57 3.75 -11.24
N ASP A 124 -14.36 3.13 -10.08
CA ASP A 124 -15.40 2.42 -9.36
C ASP A 124 -15.87 3.20 -8.13
N PHE A 125 -14.93 3.89 -7.47
CA PHE A 125 -15.08 4.44 -6.11
C PHE A 125 -15.52 3.32 -5.17
N LEU A 126 -14.86 2.16 -5.29
CA LEU A 126 -15.34 0.93 -4.66
C LEU A 126 -15.01 0.88 -3.17
N LYS A 127 -15.79 1.61 -2.37
CA LYS A 127 -15.61 1.59 -0.93
C LYS A 127 -16.47 0.50 -0.28
N ILE A 128 -15.85 -0.66 -0.06
CA ILE A 128 -16.50 -1.79 0.61
C ILE A 128 -15.64 -2.29 1.78
N GLU A 129 -16.29 -2.44 2.94
CA GLU A 129 -15.63 -2.65 4.23
C GLU A 129 -16.66 -3.18 5.24
N GLU A 130 -16.24 -3.90 6.29
CA GLU A 130 -14.95 -4.60 6.43
C GLU A 130 -15.29 -6.02 6.88
N LEU A 131 -14.38 -6.96 6.64
CA LEU A 131 -14.67 -8.39 6.85
C LEU A 131 -14.26 -8.92 8.22
N GLN A 132 -14.67 -10.16 8.50
CA GLN A 132 -14.22 -10.89 9.69
C GLN A 132 -13.03 -11.79 9.32
N TYR A 133 -11.85 -11.47 9.86
CA TYR A 133 -10.65 -12.22 9.52
C TYR A 133 -10.33 -13.31 10.55
N ASP A 134 -10.03 -14.50 10.05
CA ASP A 134 -9.69 -15.66 10.90
C ASP A 134 -8.47 -15.41 11.77
N SER A 135 -7.44 -14.82 11.17
CA SER A 135 -6.23 -14.50 11.91
C SER A 135 -5.71 -13.15 11.44
N THR A 136 -5.10 -12.40 12.35
CA THR A 136 -4.42 -11.16 12.00
C THR A 136 -3.05 -11.10 12.66
N LEU A 137 -2.05 -10.68 11.89
CA LEU A 137 -0.69 -10.60 12.39
C LEU A 137 0.02 -9.30 11.99
N SER A 138 1.04 -8.97 12.76
CA SER A 138 1.93 -7.87 12.40
C SER A 138 3.36 -8.26 12.66
N LEU A 139 4.23 -7.88 11.73
CA LEU A 139 5.65 -8.13 11.85
C LEU A 139 6.37 -6.96 11.16
N PRO A 140 7.69 -6.78 11.45
CA PRO A 140 8.47 -5.80 10.73
C PRO A 140 8.32 -5.94 9.21
N SER A 141 8.09 -4.82 8.54
CA SER A 141 7.86 -4.82 7.10
C SER A 141 9.08 -5.32 6.32
N SER A 142 10.27 -4.96 6.78
CA SER A 142 11.51 -5.36 6.10
C SER A 142 11.77 -6.85 6.24
N GLU A 143 11.27 -7.42 7.33
CA GLU A 143 11.34 -8.85 7.60
C GLU A 143 10.43 -9.59 6.64
N PHE A 144 9.18 -9.12 6.54
CA PHE A 144 8.21 -9.67 5.63
C PHE A 144 8.67 -9.50 4.19
N SER A 145 9.43 -8.44 3.92
CA SER A 145 9.95 -8.18 2.59
C SER A 145 10.99 -9.21 2.19
N LYS A 146 11.94 -9.47 3.08
CA LYS A 146 13.00 -10.45 2.82
C LYS A 146 12.41 -11.83 2.64
N ILE A 147 11.42 -12.17 3.48
CA ILE A 147 10.75 -13.47 3.41
C ILE A 147 10.14 -13.69 2.02
N VAL A 148 9.47 -12.66 1.51
CA VAL A 148 8.82 -12.72 0.21
C VAL A 148 9.83 -12.78 -0.93
N ARG A 149 10.86 -11.95 -0.86
CA ARG A 149 11.90 -11.91 -1.88
C ARG A 149 12.63 -13.25 -1.97
N ASP A 150 12.90 -13.85 -0.81
CA ASP A 150 13.64 -15.10 -0.74
C ASP A 150 12.86 -16.28 -1.31
N LEU A 151 11.66 -16.49 -0.78
CA LEU A 151 10.80 -17.58 -1.23
C LEU A 151 10.42 -17.49 -2.71
N SER A 152 10.35 -16.26 -3.24
CA SER A 152 10.00 -16.01 -4.64
C SER A 152 10.97 -16.60 -5.67
N GLN A 153 12.18 -16.94 -5.24
CA GLN A 153 13.17 -17.56 -6.11
C GLN A 153 12.84 -19.03 -6.33
N LEU A 154 12.03 -19.59 -5.44
CA LEU A 154 11.74 -21.01 -5.45
C LEU A 154 10.47 -21.36 -6.20
N SER A 155 9.51 -20.44 -6.21
CA SER A 155 8.19 -20.74 -6.76
C SER A 155 7.38 -19.51 -7.13
N ASP A 156 6.41 -19.71 -8.04
CA ASP A 156 5.46 -18.68 -8.40
C ASP A 156 4.35 -18.52 -7.35
N SER A 157 4.26 -19.50 -6.46
CA SER A 157 3.26 -19.50 -5.39
C SER A 157 3.91 -19.52 -4.01
N ILE A 158 3.41 -18.67 -3.13
CA ILE A 158 3.82 -18.67 -1.73
C ILE A 158 2.61 -19.00 -0.85
N ASN A 159 2.82 -19.93 0.07
CA ASN A 159 1.79 -20.39 0.98
C ASN A 159 1.92 -19.70 2.32
N ILE A 160 0.80 -19.21 2.86
CA ILE A 160 0.81 -18.68 4.24
C ILE A 160 -0.05 -19.53 5.15
N MET A 161 0.57 -20.07 6.20
CA MET A 161 -0.12 -20.97 7.13
C MET A 161 -0.05 -20.49 8.56
N ILE A 162 -1.22 -20.28 9.15
CA ILE A 162 -1.29 -19.90 10.54
C ILE A 162 -1.94 -21.00 11.35
N THR A 163 -1.18 -21.57 12.26
CA THR A 163 -1.68 -22.53 13.24
C THR A 163 -1.59 -21.88 14.62
N LYS A 164 -1.71 -22.67 15.69
CA LYS A 164 -1.60 -22.12 17.04
C LYS A 164 -0.18 -21.61 17.28
N GLU A 165 -0.07 -20.33 17.63
CA GLU A 165 1.21 -19.65 17.90
C GLU A 165 2.29 -19.79 16.80
N THR A 166 1.87 -19.95 15.55
CA THR A 166 2.82 -20.15 14.46
C THR A 166 2.38 -19.53 13.15
N ILE A 167 3.26 -18.73 12.56
CA ILE A 167 3.09 -18.16 11.23
C ILE A 167 4.13 -18.79 10.33
N LYS A 168 3.66 -19.40 9.24
CA LYS A 168 4.50 -20.21 8.39
C LYS A 168 4.33 -19.81 6.91
N PHE A 169 5.43 -19.40 6.29
CA PHE A 169 5.47 -19.07 4.87
C PHE A 169 6.16 -20.19 4.12
N VAL A 170 5.50 -20.74 3.11
CA VAL A 170 6.02 -21.89 2.39
C VAL A 170 6.05 -21.66 0.88
N ALA A 171 7.16 -22.01 0.24
CA ALA A 171 7.23 -22.04 -1.22
C ALA A 171 7.72 -23.41 -1.68
N ASP A 172 7.26 -23.85 -2.85
CA ASP A 172 7.62 -25.17 -3.39
C ASP A 172 7.74 -25.14 -4.92
N GLY A 173 8.86 -25.64 -5.45
CA GLY A 173 9.11 -25.58 -6.90
C GLY A 173 10.05 -26.66 -7.42
N ASP A 174 10.56 -26.44 -8.63
CA ASP A 174 11.45 -27.38 -9.32
C ASP A 174 12.78 -27.56 -8.59
N ILE A 175 13.42 -26.43 -8.34
CA ILE A 175 14.62 -26.30 -7.51
C ILE A 175 14.51 -27.10 -6.20
N GLY A 176 13.45 -26.83 -5.44
CA GLY A 176 13.18 -27.49 -4.18
C GLY A 176 12.18 -26.66 -3.40
N SER A 177 12.13 -26.84 -2.08
CA SER A 177 11.17 -26.10 -1.26
C SER A 177 11.82 -25.21 -0.20
N GLY A 178 10.98 -24.38 0.43
CA GLY A 178 11.45 -23.45 1.46
C GLY A 178 10.37 -23.07 2.45
N SER A 179 10.74 -23.02 3.72
CA SER A 179 9.79 -22.75 4.80
C SER A 179 10.32 -21.74 5.82
N VAL A 180 9.60 -20.65 6.01
CA VAL A 180 9.95 -19.73 7.07
C VAL A 180 8.91 -19.82 8.19
N ILE A 181 9.38 -20.06 9.40
CA ILE A 181 8.51 -20.20 10.55
C ILE A 181 8.84 -19.12 11.57
N ILE A 182 7.84 -18.30 11.88
CA ILE A 182 7.98 -17.27 12.90
C ILE A 182 6.91 -17.42 13.96
N LYS A 183 7.33 -17.27 15.21
CA LYS A 183 6.45 -17.35 16.35
C LYS A 183 6.28 -15.96 16.98
N PRO A 184 5.08 -15.68 17.52
CA PRO A 184 4.80 -14.44 18.26
C PRO A 184 5.78 -14.19 19.39
N PHE A 185 6.27 -12.96 19.48
CA PHE A 185 7.10 -12.52 20.60
C PHE A 185 7.03 -11.00 20.77
N VAL A 186 7.35 -10.54 21.96
CA VAL A 186 7.58 -9.14 22.20
C VAL A 186 8.93 -8.96 22.87
N ASP A 187 9.74 -8.09 22.28
CA ASP A 187 10.95 -7.63 22.95
C ASP A 187 10.67 -6.25 23.54
N MET A 188 10.67 -6.17 24.86
CA MET A 188 10.24 -4.96 25.57
C MET A 188 11.14 -3.75 25.31
N GLU A 189 12.40 -4.01 25.01
CA GLU A 189 13.35 -2.95 24.75
C GLU A 189 13.35 -2.49 23.28
N HIS A 190 12.84 -3.35 22.40
CA HIS A 190 12.75 -3.01 20.97
C HIS A 190 11.39 -3.46 20.40
N PRO A 191 10.31 -2.78 20.80
CA PRO A 191 8.95 -3.23 20.48
C PRO A 191 8.66 -3.22 18.98
N GLU A 192 9.51 -2.54 18.21
CA GLU A 192 9.30 -2.42 16.77
C GLU A 192 9.71 -3.68 16.00
N THR A 193 10.42 -4.58 16.70
CA THR A 193 10.86 -5.84 16.12
C THR A 193 9.85 -6.96 16.39
N SER A 194 8.78 -6.61 17.11
CA SER A 194 7.83 -7.61 17.63
C SER A 194 6.99 -8.27 16.56
N ILE A 195 6.62 -9.52 16.86
CA ILE A 195 5.72 -10.26 16.00
C ILE A 195 4.48 -10.56 16.83
N LYS A 196 3.34 -10.06 16.36
CA LYS A 196 2.09 -10.17 17.09
C LYS A 196 1.12 -11.05 16.31
N LEU A 197 0.39 -11.91 17.02
CA LEU A 197 -0.58 -12.79 16.38
C LEU A 197 -1.88 -12.90 17.18
N GLU A 198 -2.99 -12.81 16.47
CA GLU A 198 -4.32 -13.00 17.02
C GLU A 198 -5.02 -14.03 16.14
N MET A 199 -5.40 -15.16 16.73
CA MET A 199 -6.03 -16.24 15.96
C MET A 199 -7.43 -16.63 16.46
N ASP A 200 -8.38 -16.67 15.53
CA ASP A 200 -9.74 -17.18 15.80
C ASP A 200 -9.89 -18.59 15.23
N GLN A 201 -9.16 -18.86 14.15
CA GLN A 201 -9.01 -20.21 13.58
C GLN A 201 -7.85 -20.26 12.57
N PRO A 202 -7.25 -21.46 12.38
CA PRO A 202 -6.16 -21.68 11.43
C PRO A 202 -6.47 -21.29 9.98
N VAL A 203 -5.42 -21.01 9.21
CA VAL A 203 -5.54 -20.53 7.84
C VAL A 203 -4.48 -21.18 6.94
N ASP A 204 -4.91 -21.70 5.80
CA ASP A 204 -3.99 -22.25 4.80
C ASP A 204 -4.23 -21.58 3.45
N LEU A 205 -3.48 -20.51 3.16
CA LEU A 205 -3.69 -19.78 1.92
C LEU A 205 -2.47 -19.78 1.02
N THR A 206 -2.71 -19.68 -0.29
CA THR A 206 -1.66 -19.73 -1.30
C THR A 206 -1.79 -18.50 -2.21
N PHE A 207 -0.71 -17.74 -2.33
CA PHE A 207 -0.72 -16.46 -3.05
C PHE A 207 0.25 -16.40 -4.23
N GLY A 208 -0.12 -15.61 -5.24
CA GLY A 208 0.76 -15.33 -6.36
C GLY A 208 1.93 -14.48 -5.89
N ALA A 209 3.14 -14.99 -6.10
CA ALA A 209 4.35 -14.29 -5.68
C ALA A 209 4.56 -13.00 -6.47
N LYS A 210 4.07 -12.98 -7.71
CA LYS A 210 4.07 -11.80 -8.57
C LYS A 210 3.47 -10.58 -7.84
N TYR A 211 2.35 -10.81 -7.17
CA TYR A 211 1.62 -9.77 -6.46
C TYR A 211 2.26 -9.39 -5.13
N LEU A 212 2.76 -10.40 -4.40
CA LEU A 212 3.41 -10.15 -3.12
C LEU A 212 4.70 -9.35 -3.25
N LEU A 213 5.43 -9.56 -4.35
CA LEU A 213 6.61 -8.78 -4.66
C LEU A 213 6.24 -7.31 -4.83
N ASP A 214 5.04 -7.05 -5.35
CA ASP A 214 4.54 -5.69 -5.48
C ASP A 214 4.10 -5.14 -4.12
N ILE A 215 3.30 -5.93 -3.41
CA ILE A 215 2.81 -5.54 -2.09
C ILE A 215 3.93 -5.08 -1.13
N ILE A 216 5.05 -5.80 -1.10
CA ILE A 216 6.15 -5.49 -0.18
C ILE A 216 6.88 -4.19 -0.50
N LYS A 217 6.48 -3.54 -1.59
CA LYS A 217 7.02 -2.21 -1.90
C LYS A 217 6.48 -1.13 -0.95
N GLY A 218 5.39 -1.42 -0.24
CA GLY A 218 4.91 -0.56 0.82
C GLY A 218 5.83 -0.50 2.03
N SER A 219 6.95 -1.19 1.96
CA SER A 219 7.93 -1.25 3.06
C SER A 219 8.48 0.11 3.44
N SER A 220 8.64 0.98 2.45
CA SER A 220 9.20 2.32 2.65
C SER A 220 8.29 3.18 3.54
N LEU A 221 6.99 2.93 3.46
CA LEU A 221 6.00 3.67 4.23
C LEU A 221 5.99 3.43 5.73
N SER A 222 6.04 2.16 6.13
CA SER A 222 5.95 1.81 7.54
C SER A 222 7.00 0.80 7.90
N ASP A 223 7.47 0.83 9.14
CA ASP A 223 8.43 -0.19 9.59
C ASP A 223 7.72 -1.46 10.03
N ARG A 224 6.39 -1.44 10.05
CA ARG A 224 5.59 -2.60 10.39
C ARG A 224 4.54 -2.88 9.32
N VAL A 225 4.27 -4.15 9.06
CA VAL A 225 3.17 -4.54 8.17
C VAL A 225 2.12 -5.37 8.93
N GLY A 226 0.86 -5.01 8.74
CA GLY A 226 -0.25 -5.76 9.31
C GLY A 226 -0.86 -6.68 8.26
N ILE A 227 -1.07 -7.94 8.62
CA ILE A 227 -1.63 -8.93 7.70
C ILE A 227 -2.85 -9.64 8.29
N ARG A 228 -3.98 -9.49 7.61
CA ARG A 228 -5.23 -10.14 8.03
C ARG A 228 -5.66 -11.14 6.96
N LEU A 229 -5.99 -12.36 7.39
CA LEU A 229 -6.28 -13.46 6.46
C LEU A 229 -7.57 -14.18 6.80
N SER A 230 -8.31 -14.58 5.77
CA SER A 230 -9.54 -15.37 5.92
C SER A 230 -9.59 -16.56 4.98
N SER A 231 -10.29 -17.61 5.40
CA SER A 231 -10.46 -18.83 4.60
C SER A 231 -11.19 -18.58 3.28
N GLU A 232 -12.22 -17.74 3.32
CA GLU A 232 -12.96 -17.38 2.11
C GLU A 232 -13.11 -15.87 1.92
N ALA A 233 -11.99 -15.16 2.04
CA ALA A 233 -11.97 -13.71 1.81
C ALA A 233 -10.60 -13.27 1.28
N PRO A 234 -10.53 -12.09 0.63
CA PRO A 234 -9.22 -11.59 0.22
C PRO A 234 -8.35 -11.25 1.41
N ALA A 235 -7.04 -11.39 1.23
CA ALA A 235 -6.07 -11.03 2.27
C ALA A 235 -5.87 -9.51 2.31
N LEU A 236 -5.61 -9.00 3.51
CA LEU A 236 -5.35 -7.57 3.69
C LEU A 236 -3.93 -7.33 4.18
N PHE A 237 -3.17 -6.59 3.38
CA PHE A 237 -1.80 -6.21 3.75
C PHE A 237 -1.78 -4.70 3.94
N GLN A 238 -1.30 -4.26 5.10
CA GLN A 238 -1.46 -2.87 5.48
C GLN A 238 -0.21 -2.25 6.11
N PHE A 239 0.23 -1.15 5.54
CA PHE A 239 1.33 -0.37 6.08
C PHE A 239 0.75 0.91 6.63
N ASP A 240 1.07 1.22 7.88
CA ASP A 240 0.48 2.37 8.56
C ASP A 240 1.30 3.63 8.45
N LEU A 241 0.70 4.64 7.82
CA LEU A 241 1.18 6.01 7.93
C LEU A 241 0.82 6.50 9.32
N LYS A 242 1.45 7.59 9.75
CA LYS A 242 1.15 8.14 11.07
C LYS A 242 0.62 9.56 10.94
N SER A 243 -0.67 9.72 10.68
CA SER A 243 -1.64 8.61 10.58
C SER A 243 -2.31 8.50 9.21
N GLY A 244 -2.95 7.35 8.98
CA GLY A 244 -3.49 6.96 7.68
C GLY A 244 -2.90 5.61 7.31
N PHE A 245 -3.27 5.07 6.14
CA PHE A 245 -2.73 3.77 5.74
C PHE A 245 -2.59 3.57 4.23
N LEU A 246 -1.75 2.59 3.86
CA LEU A 246 -1.76 2.03 2.52
C LEU A 246 -2.14 0.56 2.59
N GLN A 247 -3.13 0.15 1.81
CA GLN A 247 -3.69 -1.17 1.93
C GLN A 247 -3.68 -1.95 0.65
N PHE A 248 -3.46 -3.25 0.76
CA PHE A 248 -3.51 -4.14 -0.38
C PHE A 248 -4.47 -5.29 -0.12
N PHE A 249 -5.35 -5.55 -1.08
CA PHE A 249 -6.30 -6.64 -0.98
C PHE A 249 -5.98 -7.67 -2.07
N LEU A 250 -5.63 -8.88 -1.66
CA LEU A 250 -5.21 -9.92 -2.61
C LEU A 250 -6.15 -11.12 -2.67
N ALA A 251 -6.46 -11.56 -3.88
CA ALA A 251 -7.22 -12.80 -4.08
C ALA A 251 -6.27 -14.01 -4.08
N PRO A 252 -6.57 -15.04 -3.27
CA PRO A 252 -5.74 -16.23 -3.17
C PRO A 252 -5.98 -17.26 -4.30
N LYS A 253 -5.19 -18.32 -4.29
CA LYS A 253 -5.30 -19.40 -5.28
C LYS A 253 -6.16 -20.54 -4.74
N PHE A 254 -7.24 -20.85 -5.45
CA PHE A 254 -8.21 -21.85 -5.00
C PHE A 254 -8.21 -23.14 -5.82
N ASN A 255 -9.01 -24.12 -5.37
CA ASN A 255 -9.08 -25.48 -5.96
C ASN A 255 -7.79 -26.28 -5.77
N LYS B 4 -1.23 -27.88 -7.76
CA LYS B 4 -1.14 -26.40 -7.62
C LYS B 4 -2.49 -25.73 -7.88
N PRO B 5 -2.94 -24.88 -6.93
CA PRO B 5 -4.22 -24.17 -7.07
C PRO B 5 -4.13 -23.06 -8.11
N LYS B 6 -5.23 -22.81 -8.82
CA LYS B 6 -5.26 -21.76 -9.84
C LYS B 6 -5.67 -20.41 -9.23
N GLN B 7 -5.19 -19.32 -9.82
CA GLN B 7 -5.42 -17.97 -9.32
C GLN B 7 -6.85 -17.50 -9.54
N ALA B 8 -7.50 -17.10 -8.46
CA ALA B 8 -8.83 -16.52 -8.52
C ALA B 8 -8.72 -14.99 -8.65
N THR B 9 -9.77 -14.38 -9.17
CA THR B 9 -9.84 -12.92 -9.25
C THR B 9 -10.57 -12.33 -8.05
N LEU B 10 -10.68 -11.01 -8.03
CA LEU B 10 -11.32 -10.30 -6.92
C LEU B 10 -12.80 -10.08 -7.23
N ALA B 11 -13.26 -10.69 -8.32
CA ALA B 11 -14.66 -10.67 -8.70
C ALA B 11 -15.52 -11.53 -7.77
N ARG B 12 -14.90 -12.57 -7.21
CA ARG B 12 -15.58 -13.50 -6.29
C ARG B 12 -16.07 -12.85 -5.00
N PHE B 13 -15.68 -11.60 -4.77
CA PHE B 13 -15.95 -10.94 -3.51
C PHE B 13 -16.64 -9.58 -3.69
N PHE B 14 -17.17 -9.33 -4.87
CA PHE B 14 -17.93 -8.10 -5.16
C PHE B 14 -19.11 -8.35 -6.09
#